data_6URX
#
_entry.id   6URX
#
_cell.length_a   168.355
_cell.length_b   168.355
_cell.length_c   54.834
_cell.angle_alpha   90.000
_cell.angle_beta   90.000
_cell.angle_gamma   120.000
#
_symmetry.space_group_name_H-M   'P 63 2 2'
#
loop_
_entity.id
_entity.type
_entity.pdbx_description
1 polymer Ricin
2 non-polymer 1,2-ETHANEDIOL
3 non-polymer '5-phenylthiophene-2-carboxylic acid'
4 non-polymer 'DIMETHYL SULFOXIDE'
5 water water
#
_entity_poly.entity_id   1
_entity_poly.type   'polypeptide(L)'
_entity_poly.pdbx_seq_one_letter_code
;MIFPKQYPIINFTTAGATVQSYTNFIRAVRGRLTTGADVRHEIPVLPNRVGLPINQRFILVELSNHAELSVTLALDVTNA
YVVGYRAGNSAYFFHPDNQEDAEAITHLFTDVQNRYTFAFGGNYDRLEQLAGNLRENIELGNGPLEEAISALYYYSTGGT
QLPTLARSFIICIQMISEAARFQYIEGEMRTRIRYNRRSAPDPSVITLENSWGRLSTAIQESNQGAFASPIQLQRRNGSK
FSVYDVSILIPIIALMVYRCAPPPSSQF
;
_entity_poly.pdbx_strand_id   A
#
loop_
_chem_comp.id
_chem_comp.type
_chem_comp.name
_chem_comp.formula
DMS non-polymer 'DIMETHYL SULFOXIDE' 'C2 H6 O S'
EDO non-polymer 1,2-ETHANEDIOL 'C2 H6 O2'
JMG non-polymer '5-phenylthiophene-2-carboxylic acid' 'C11 H8 O2 S'
#
# COMPACT_ATOMS: atom_id res chain seq x y z
N LYS A 5 16.73 11.61 -13.66
CA LYS A 5 17.32 10.31 -13.29
C LYS A 5 16.39 9.42 -12.43
N GLN A 6 15.81 9.99 -11.36
CA GLN A 6 15.09 9.22 -10.34
C GLN A 6 13.59 9.55 -10.19
N TYR A 7 12.81 8.56 -9.80
CA TYR A 7 11.42 8.74 -9.45
C TYR A 7 11.30 9.57 -8.16
N PRO A 8 10.14 10.17 -7.92
CA PRO A 8 9.95 10.93 -6.66
C PRO A 8 10.16 10.06 -5.42
N ILE A 9 10.82 10.60 -4.40
CA ILE A 9 11.11 9.88 -3.16
C ILE A 9 10.45 10.57 -1.98
N ILE A 10 9.70 9.80 -1.17
CA ILE A 10 9.21 10.27 0.13
C ILE A 10 9.98 9.51 1.21
N ASN A 11 10.41 10.23 2.24
CA ASN A 11 11.16 9.65 3.35
C ASN A 11 10.28 9.53 4.57
N PHE A 12 10.42 8.43 5.30
CA PHE A 12 9.82 8.27 6.63
C PHE A 12 10.77 7.48 7.53
N THR A 13 10.81 7.87 8.80
CA THR A 13 11.55 7.13 9.79
C THR A 13 10.66 6.81 10.99
N THR A 14 10.81 5.59 11.51
CA THR A 14 10.15 5.20 12.73
C THR A 14 10.86 5.78 13.95
N ALA A 15 12.08 6.28 13.77
CA ALA A 15 12.88 6.79 14.88
C ALA A 15 12.28 8.11 15.33
N GLY A 16 11.66 8.11 16.51
CA GLY A 16 11.03 9.30 17.05
C GLY A 16 9.73 9.69 16.35
N ALA A 17 9.10 8.71 15.69
CA ALA A 17 7.94 8.97 14.85
C ALA A 17 6.79 9.41 15.73
N THR A 18 6.02 10.38 15.23
CA THR A 18 4.86 10.88 15.94
C THR A 18 3.62 10.77 15.07
N VAL A 19 2.48 11.02 15.70
CA VAL A 19 1.22 11.22 14.98
C VAL A 19 1.41 12.25 13.86
N GLN A 20 2.06 13.36 14.19
CA GLN A 20 2.31 14.40 13.18
C GLN A 20 3.19 13.93 12.01
N SER A 21 4.30 13.24 12.32
CA SER A 21 5.25 12.83 11.28
C SER A 21 4.64 11.77 10.37
N TYR A 22 3.86 10.84 10.94
CA TYR A 22 3.17 9.83 10.14
C TYR A 22 2.10 10.48 9.27
N THR A 23 1.36 11.42 9.88
CA THR A 23 0.36 12.20 9.13
C THR A 23 0.97 12.94 7.92
N ASN A 24 2.08 13.66 8.14
CA ASN A 24 2.77 14.34 7.04
C ASN A 24 3.25 13.37 5.96
N PHE A 25 3.72 12.20 6.42
CA PHE A 25 4.21 11.15 5.54
C PHE A 25 3.12 10.64 4.60
N ILE A 26 1.99 10.22 5.15
CA ILE A 26 0.90 9.73 4.32
C ILE A 26 0.38 10.83 3.37
N ARG A 27 0.33 12.07 3.88
CA ARG A 27 -0.03 13.24 3.05
C ARG A 27 0.87 13.34 1.84
N ALA A 28 2.19 13.23 2.07
CA ALA A 28 3.18 13.35 0.99
C ALA A 28 3.04 12.19 -0.02
N VAL A 29 2.80 10.98 0.48
CA VAL A 29 2.63 9.80 -0.37
C VAL A 29 1.40 9.99 -1.25
N ARG A 30 0.27 10.39 -0.67
CA ARG A 30 -0.92 10.71 -1.50
C ARG A 30 -0.63 11.81 -2.52
N GLY A 31 0.10 12.84 -2.11
CA GLY A 31 0.52 13.92 -3.01
C GLY A 31 1.22 13.40 -4.25
N ARG A 32 2.27 12.58 -4.06
CA ARG A 32 3.00 12.02 -5.19
C ARG A 32 2.19 11.02 -6.01
N LEU A 33 1.30 10.27 -5.36
CA LEU A 33 0.44 9.31 -6.07
C LEU A 33 -0.54 10.00 -7.01
N THR A 34 -0.98 11.20 -6.61
CA THR A 34 -2.05 11.94 -7.31
C THR A 34 -1.60 13.10 -8.21
N THR A 35 -0.29 13.28 -8.44
CA THR A 35 0.20 14.24 -9.42
C THR A 35 -0.52 14.09 -10.76
N GLY A 36 -0.60 12.86 -11.27
CA GLY A 36 -1.30 12.58 -12.53
C GLY A 36 -2.74 12.10 -12.35
N ALA A 37 -3.30 12.24 -11.14
CA ALA A 37 -4.62 11.68 -10.87
C ALA A 37 -5.73 12.54 -11.47
N ASP A 38 -6.89 11.91 -11.66
CA ASP A 38 -8.13 12.62 -11.99
C ASP A 38 -8.80 13.03 -10.67
N VAL A 39 -8.77 14.32 -10.37
CA VAL A 39 -9.34 14.84 -9.12
C VAL A 39 -10.60 15.70 -9.35
N ARG A 40 -11.27 15.48 -10.48
CA ARG A 40 -12.43 16.31 -10.79
C ARG A 40 -13.77 15.73 -10.35
N HIS A 41 -13.78 14.52 -9.77
CA HIS A 41 -14.98 13.94 -9.22
C HIS A 41 -14.91 13.79 -7.68
N GLU A 42 -15.84 13.03 -7.11
CA GLU A 42 -15.99 12.91 -5.66
C GLU A 42 -14.77 12.29 -4.96
N ILE A 43 -14.14 11.33 -5.63
CA ILE A 43 -12.96 10.64 -5.07
C ILE A 43 -11.84 10.62 -6.11
N PRO A 44 -10.60 10.93 -5.70
CA PRO A 44 -9.49 10.87 -6.65
C PRO A 44 -9.31 9.51 -7.33
N VAL A 45 -9.06 9.54 -8.64
CA VAL A 45 -8.80 8.33 -9.44
C VAL A 45 -7.34 8.38 -9.88
N LEU A 46 -6.59 7.33 -9.53
CA LEU A 46 -5.18 7.23 -9.89
C LEU A 46 -5.06 7.15 -11.41
N PRO A 47 -3.88 7.49 -11.94
CA PRO A 47 -3.80 7.48 -13.40
C PRO A 47 -4.03 6.09 -14.00
N ASN A 48 -4.65 6.08 -15.17
CA ASN A 48 -4.84 4.87 -15.94
C ASN A 48 -3.46 4.33 -16.33
N ARG A 49 -3.20 3.06 -16.03
CA ARG A 49 -1.93 2.43 -16.47
C ARG A 49 -1.78 2.43 -17.98
N VAL A 50 -2.90 2.36 -18.71
CA VAL A 50 -2.86 2.32 -20.19
C VAL A 50 -2.40 3.66 -20.71
N GLY A 51 -1.22 3.65 -21.33
CA GLY A 51 -0.65 4.84 -21.94
C GLY A 51 0.18 5.69 -21.02
N LEU A 52 0.29 5.32 -19.73
CA LEU A 52 1.01 6.13 -18.75
C LEU A 52 2.49 6.03 -19.05
N PRO A 53 3.16 7.17 -19.30
CA PRO A 53 4.59 7.09 -19.56
C PRO A 53 5.40 6.53 -18.39
N ILE A 54 6.43 5.76 -18.73
CA ILE A 54 7.22 5.04 -17.73
C ILE A 54 7.89 5.94 -16.67
N ASN A 55 8.23 7.18 -17.02
CA ASN A 55 8.81 8.09 -16.03
C ASN A 55 7.80 8.64 -15.02
N GLN A 56 6.51 8.39 -15.22
CA GLN A 56 5.45 8.75 -14.29
C GLN A 56 4.84 7.54 -13.56
N ARG A 57 5.39 6.36 -13.76
CA ARG A 57 4.75 5.11 -13.34
C ARG A 57 4.94 4.74 -11.86
N PHE A 58 6.06 5.17 -11.27
CA PHE A 58 6.43 4.75 -9.91
C PHE A 58 6.76 5.92 -8.99
N ILE A 59 6.56 5.70 -7.69
CA ILE A 59 7.16 6.53 -6.65
C ILE A 59 7.92 5.63 -5.66
N LEU A 60 8.85 6.22 -4.95
CA LEU A 60 9.71 5.52 -4.03
C LEU A 60 9.46 5.99 -2.60
N VAL A 61 9.38 5.05 -1.68
CA VAL A 61 9.22 5.35 -0.28
C VAL A 61 10.43 4.81 0.45
N GLU A 62 11.29 5.70 0.92
CA GLU A 62 12.51 5.34 1.62
C GLU A 62 12.21 5.32 3.11
N LEU A 63 12.42 4.15 3.73
CA LEU A 63 12.09 3.93 5.11
C LEU A 63 13.36 3.71 5.90
N SER A 64 13.38 4.27 7.10
CA SER A 64 14.51 4.16 7.98
C SER A 64 14.01 3.97 9.41
N ASN A 65 14.86 3.47 10.30
CA ASN A 65 14.45 3.18 11.69
C ASN A 65 15.49 3.63 12.72
N HIS A 66 15.30 3.31 14.00
CA HIS A 66 16.28 3.62 15.05
C HIS A 66 17.69 3.08 14.74
N ALA A 67 17.75 1.91 14.11
CA ALA A 67 19.03 1.30 13.72
C ALA A 67 19.65 1.98 12.50
N GLU A 68 18.91 2.91 11.89
CA GLU A 68 19.38 3.71 10.77
C GLU A 68 19.67 2.84 9.55
N LEU A 69 18.95 1.74 9.46
CA LEU A 69 18.95 0.94 8.26
C LEU A 69 17.93 1.56 7.34
N SER A 70 18.11 1.38 6.05
CA SER A 70 17.26 2.02 5.10
C SER A 70 16.87 1.05 4.00
N VAL A 71 15.59 1.04 3.67
CA VAL A 71 15.11 0.32 2.49
C VAL A 71 14.18 1.25 1.74
N THR A 72 14.02 0.96 0.44
CA THR A 72 13.22 1.77 -0.43
C THR A 72 12.20 0.91 -1.14
N LEU A 73 10.93 1.14 -0.85
CA LEU A 73 9.82 0.47 -1.53
C LEU A 73 9.51 1.21 -2.80
N ALA A 74 9.19 0.49 -3.87
CA ALA A 74 8.67 1.11 -5.07
C ALA A 74 7.16 0.90 -5.07
N LEU A 75 6.39 1.97 -5.28
CA LEU A 75 4.93 1.89 -5.40
C LEU A 75 4.51 2.22 -6.82
N ASP A 76 3.55 1.49 -7.33
CA ASP A 76 2.99 1.70 -8.64
C ASP A 76 1.93 2.79 -8.45
N VAL A 77 2.05 3.90 -9.18
CA VAL A 77 1.10 5.02 -9.03
C VAL A 77 -0.31 4.67 -9.49
N THR A 78 -0.47 3.63 -10.30
CA THR A 78 -1.78 3.26 -10.82
C THR A 78 -2.61 2.50 -9.80
N ASN A 79 -1.98 1.86 -8.83
CA ASN A 79 -2.75 1.25 -7.74
C ASN A 79 -2.26 1.50 -6.31
N ALA A 80 -1.26 2.36 -6.14
CA ALA A 80 -0.64 2.63 -4.82
C ALA A 80 -0.02 1.42 -4.11
N TYR A 81 0.19 0.32 -4.82
CA TYR A 81 0.68 -0.91 -4.19
C TYR A 81 2.19 -1.07 -4.36
N VAL A 82 2.80 -1.78 -3.40
CA VAL A 82 4.23 -2.07 -3.40
C VAL A 82 4.49 -3.11 -4.49
N VAL A 83 5.42 -2.81 -5.39
CA VAL A 83 5.82 -3.78 -6.46
C VAL A 83 7.17 -4.46 -6.20
N GLY A 84 7.92 -3.94 -5.23
CA GLY A 84 9.27 -4.37 -4.98
C GLY A 84 9.98 -3.42 -4.04
N TYR A 85 11.23 -3.74 -3.71
CA TYR A 85 12.04 -2.87 -2.88
C TYR A 85 13.52 -3.09 -3.09
N ARG A 86 14.29 -2.09 -2.67
CA ARG A 86 15.73 -2.13 -2.65
C ARG A 86 16.26 -2.13 -1.22
N ALA A 87 17.27 -2.96 -1.00
CA ALA A 87 18.05 -2.97 0.23
C ALA A 87 19.50 -3.14 -0.19
N GLY A 88 20.34 -2.14 0.12
CA GLY A 88 21.76 -2.16 -0.27
C GLY A 88 21.93 -2.26 -1.78
N ASN A 89 22.69 -3.24 -2.24
CA ASN A 89 22.99 -3.41 -3.65
C ASN A 89 22.10 -4.48 -4.31
N SER A 90 20.92 -4.74 -3.72
CA SER A 90 19.96 -5.71 -4.26
C SER A 90 18.56 -5.12 -4.34
N ALA A 91 17.83 -5.52 -5.38
CA ALA A 91 16.41 -5.21 -5.53
C ALA A 91 15.58 -6.50 -5.72
N TYR A 92 14.40 -6.51 -5.09
CA TYR A 92 13.51 -7.68 -5.02
C TYR A 92 12.14 -7.26 -5.47
N PHE A 93 11.57 -7.98 -6.44
CA PHE A 93 10.26 -7.63 -6.98
C PHE A 93 9.26 -8.76 -6.84
N PHE A 94 7.99 -8.42 -6.60
CA PHE A 94 6.94 -9.42 -6.66
C PHE A 94 6.80 -9.91 -8.13
N HIS A 95 6.37 -11.13 -8.29
CA HIS A 95 6.12 -11.71 -9.61
C HIS A 95 5.11 -10.84 -10.38
N PRO A 96 5.54 -10.27 -11.49
CA PRO A 96 4.56 -9.47 -12.26
C PRO A 96 3.51 -10.34 -12.94
N ASP A 97 2.30 -9.81 -13.12
CA ASP A 97 1.18 -10.56 -13.70
C ASP A 97 1.17 -10.60 -15.23
N ASN A 98 1.95 -9.74 -15.88
CA ASN A 98 1.96 -9.69 -17.33
C ASN A 98 3.28 -9.12 -17.81
N GLN A 99 3.47 -9.20 -19.12
CA GLN A 99 4.72 -8.76 -19.73
C GLN A 99 4.95 -7.25 -19.65
N GLU A 100 3.88 -6.46 -19.72
CA GLU A 100 4.02 -4.99 -19.65
C GLU A 100 4.55 -4.60 -18.25
N ASP A 101 3.98 -5.18 -17.19
CA ASP A 101 4.45 -4.93 -15.81
C ASP A 101 5.87 -5.44 -15.55
N ALA A 102 6.25 -6.55 -16.18
CA ALA A 102 7.61 -7.08 -16.07
C ALA A 102 8.59 -6.11 -16.70
N GLU A 103 8.21 -5.57 -17.86
CA GLU A 103 9.05 -4.58 -18.52
C GLU A 103 9.13 -3.30 -17.70
N ALA A 104 8.00 -2.87 -17.17
CA ALA A 104 7.95 -1.66 -16.32
C ALA A 104 8.97 -1.67 -15.18
N ILE A 105 9.04 -2.78 -14.43
CA ILE A 105 9.92 -2.85 -13.25
C ILE A 105 11.43 -2.89 -13.56
N THR A 106 11.81 -3.18 -14.83
CA THR A 106 13.20 -3.06 -15.28
C THR A 106 13.67 -1.62 -15.24
N HIS A 107 12.74 -0.67 -15.21
CA HIS A 107 13.09 0.74 -15.03
C HIS A 107 13.26 1.15 -13.56
N LEU A 108 13.18 0.23 -12.60
CA LEU A 108 13.35 0.60 -11.19
C LEU A 108 14.70 0.16 -10.67
N PHE A 109 15.29 0.96 -9.77
CA PHE A 109 16.53 0.62 -9.10
C PHE A 109 17.62 0.16 -10.10
N THR A 110 17.71 0.86 -11.23
CA THR A 110 18.55 0.45 -12.38
C THR A 110 20.02 0.40 -12.04
N ASP A 111 20.43 1.03 -10.94
CA ASP A 111 21.83 1.00 -10.48
C ASP A 111 22.25 -0.20 -9.61
N VAL A 112 21.31 -0.99 -9.06
CA VAL A 112 21.71 -2.12 -8.19
C VAL A 112 22.40 -3.23 -8.97
N GLN A 113 23.33 -3.90 -8.31
CA GLN A 113 24.07 -5.02 -8.88
C GLN A 113 23.19 -6.27 -8.99
N ASN A 114 22.36 -6.54 -7.97
CA ASN A 114 21.59 -7.79 -7.92
C ASN A 114 20.08 -7.55 -8.02
N ARG A 115 19.43 -8.13 -9.04
CA ARG A 115 17.99 -7.99 -9.23
C ARG A 115 17.34 -9.36 -9.10
N TYR A 116 16.24 -9.46 -8.35
CA TYR A 116 15.54 -10.73 -8.12
C TYR A 116 14.05 -10.55 -8.25
N THR A 117 13.42 -11.47 -8.97
CA THR A 117 11.96 -11.55 -9.05
C THR A 117 11.53 -12.76 -8.21
N PHE A 118 10.73 -12.52 -7.17
CA PHE A 118 10.12 -13.60 -6.41
C PHE A 118 9.18 -14.42 -7.30
N ALA A 119 9.04 -15.70 -6.99
CA ALA A 119 8.01 -16.56 -7.60
C ALA A 119 6.57 -16.09 -7.33
N PHE A 120 6.38 -15.39 -6.21
CA PHE A 120 5.07 -15.03 -5.70
C PHE A 120 4.69 -13.58 -5.95
N GLY A 121 3.38 -13.35 -6.05
CA GLY A 121 2.81 -12.02 -6.13
C GLY A 121 2.73 -11.43 -4.72
N GLY A 122 2.41 -10.14 -4.66
CA GLY A 122 2.30 -9.42 -3.37
C GLY A 122 0.89 -9.32 -2.81
N ASN A 123 -0.06 -10.10 -3.34
CA ASN A 123 -1.42 -10.12 -2.78
C ASN A 123 -1.41 -10.70 -1.35
N TYR A 124 -2.35 -10.27 -0.52
CA TYR A 124 -2.39 -10.70 0.89
C TYR A 124 -2.56 -12.20 1.08
N ASP A 125 -3.35 -12.83 0.23
CA ASP A 125 -3.61 -14.27 0.34
C ASP A 125 -2.31 -15.06 0.31
N ARG A 126 -1.42 -14.70 -0.60
CA ARG A 126 -0.15 -15.34 -0.75
C ARG A 126 0.81 -14.92 0.34
N LEU A 127 0.90 -13.63 0.63
CA LEU A 127 1.80 -13.16 1.68
C LEU A 127 1.49 -13.80 3.04
N GLU A 128 0.21 -13.93 3.37
CA GLU A 128 -0.21 -14.55 4.64
C GLU A 128 0.22 -16.01 4.70
N GLN A 129 0.12 -16.68 3.54
CA GLN A 129 0.59 -18.04 3.39
C GLN A 129 2.07 -18.16 3.69
N LEU A 130 2.85 -17.28 3.07
CA LEU A 130 4.29 -17.31 3.25
C LEU A 130 4.65 -16.94 4.69
N ALA A 131 3.96 -15.97 5.27
CA ALA A 131 4.21 -15.58 6.66
C ALA A 131 3.77 -16.60 7.68
N GLY A 132 2.83 -17.47 7.29
CA GLY A 132 2.15 -18.35 8.24
C GLY A 132 1.25 -17.63 9.24
N ASN A 133 0.79 -16.41 8.89
CA ASN A 133 -0.06 -15.62 9.78
C ASN A 133 -1.06 -14.86 8.91
N LEU A 134 -2.32 -14.86 9.33
CA LEU A 134 -3.32 -14.00 8.72
C LEU A 134 -3.11 -12.56 9.17
N ARG A 135 -3.62 -11.60 8.39
CA ARG A 135 -3.54 -10.20 8.77
C ARG A 135 -4.08 -9.95 10.16
N GLU A 136 -5.13 -10.69 10.54
CA GLU A 136 -5.77 -10.52 11.84
C GLU A 136 -4.91 -10.95 13.02
N ASN A 137 -3.80 -11.64 12.77
CA ASN A 137 -2.80 -11.97 13.80
C ASN A 137 -1.43 -11.40 13.51
N ILE A 138 -1.34 -10.32 12.73
CA ILE A 138 -0.08 -9.60 12.52
C ILE A 138 -0.27 -8.18 13.02
N GLU A 139 0.50 -7.82 14.05
CA GLU A 139 0.37 -6.52 14.67
C GLU A 139 0.93 -5.40 13.78
N LEU A 140 0.22 -4.27 13.78
CA LEU A 140 0.61 -3.04 13.11
C LEU A 140 0.87 -1.95 14.16
N GLY A 141 1.71 -0.99 13.81
CA GLY A 141 2.12 0.09 14.71
C GLY A 141 3.52 0.52 14.35
N ASN A 142 4.08 1.46 15.11
CA ASN A 142 5.42 1.93 14.83
C ASN A 142 6.48 0.86 15.16
N GLY A 143 6.23 0.08 16.20
CA GLY A 143 7.11 -1.04 16.58
C GLY A 143 7.20 -2.07 15.48
N PRO A 144 6.06 -2.63 15.05
CA PRO A 144 6.08 -3.57 13.93
C PRO A 144 6.74 -3.02 12.68
N LEU A 145 6.50 -1.73 12.37
CA LEU A 145 7.12 -1.11 11.20
C LEU A 145 8.64 -1.02 11.34
N GLU A 146 9.12 -0.61 12.51
CA GLU A 146 10.54 -0.55 12.80
C GLU A 146 11.21 -1.92 12.58
N GLU A 147 10.56 -2.96 13.07
CA GLU A 147 11.06 -4.33 12.93
C GLU A 147 10.97 -4.79 11.48
N ALA A 148 9.90 -4.41 10.79
CA ALA A 148 9.76 -4.76 9.35
C ALA A 148 10.87 -4.16 8.49
N ILE A 149 11.30 -2.95 8.84
CA ILE A 149 12.33 -2.26 8.09
C ILE A 149 13.68 -3.00 8.23
N SER A 150 14.07 -3.32 9.46
CA SER A 150 15.26 -4.15 9.70
C SER A 150 15.18 -5.52 8.96
N ALA A 151 14.01 -6.17 9.00
CA ALA A 151 13.87 -7.49 8.38
C ALA A 151 14.03 -7.43 6.86
N LEU A 152 13.43 -6.40 6.27
CA LEU A 152 13.57 -6.12 4.85
C LEU A 152 15.03 -5.88 4.46
N TYR A 153 15.72 -5.11 5.29
CA TYR A 153 17.12 -4.80 5.03
C TYR A 153 17.95 -6.09 5.11
N TYR A 154 17.80 -6.80 6.22
CA TYR A 154 18.59 -8.01 6.43
C TYR A 154 18.21 -9.18 5.51
N TYR A 155 17.13 -9.08 4.75
CA TYR A 155 16.90 -10.08 3.71
C TYR A 155 18.09 -10.13 2.75
N SER A 156 18.64 -8.96 2.42
CA SER A 156 19.74 -8.86 1.46
C SER A 156 21.08 -9.46 1.92
N THR A 157 21.25 -9.67 3.23
CA THR A 157 22.45 -10.23 3.81
C THR A 157 22.28 -11.70 4.19
N GLY A 158 21.10 -12.27 3.95
CA GLY A 158 20.84 -13.64 4.37
C GLY A 158 20.39 -13.78 5.80
N GLY A 159 20.19 -12.67 6.50
CA GLY A 159 19.81 -12.68 7.91
C GLY A 159 18.31 -12.67 8.20
N THR A 160 17.46 -12.64 7.16
CA THR A 160 16.00 -12.68 7.35
C THR A 160 15.45 -13.85 6.59
N GLN A 161 14.63 -14.64 7.25
CA GLN A 161 13.99 -15.75 6.60
C GLN A 161 12.68 -15.31 5.93
N LEU A 162 12.31 -16.02 4.87
CA LEU A 162 11.23 -15.61 4.00
C LEU A 162 9.86 -15.38 4.68
N PRO A 163 9.45 -16.23 5.64
CA PRO A 163 8.22 -15.95 6.36
C PRO A 163 8.24 -14.61 7.08
N THR A 164 9.40 -14.25 7.62
CA THR A 164 9.53 -12.93 8.26
C THR A 164 9.53 -11.80 7.25
N LEU A 165 10.15 -12.02 6.09
CA LEU A 165 10.06 -11.08 4.98
C LEU A 165 8.61 -10.83 4.61
N ALA A 166 7.84 -11.90 4.48
CA ALA A 166 6.44 -11.79 4.03
C ALA A 166 5.59 -11.05 5.06
N ARG A 167 5.79 -11.39 6.33
CA ARG A 167 5.11 -10.68 7.42
C ARG A 167 5.45 -9.19 7.38
N SER A 168 6.72 -8.89 7.16
CA SER A 168 7.19 -7.53 7.07
C SER A 168 6.55 -6.76 5.91
N PHE A 169 6.40 -7.41 4.73
CA PHE A 169 5.66 -6.81 3.63
C PHE A 169 4.22 -6.52 4.02
N ILE A 170 3.59 -7.46 4.70
CA ILE A 170 2.22 -7.27 5.13
C ILE A 170 2.10 -6.03 6.01
N ILE A 171 3.06 -5.83 6.92
CA ILE A 171 3.07 -4.64 7.78
C ILE A 171 3.26 -3.36 6.93
N CYS A 172 4.26 -3.36 6.06
CA CYS A 172 4.56 -2.17 5.27
C CYS A 172 3.43 -1.78 4.33
N ILE A 173 2.87 -2.77 3.64
CA ILE A 173 1.83 -2.49 2.68
C ILE A 173 0.61 -1.88 3.38
N GLN A 174 0.21 -2.44 4.50
CA GLN A 174 -0.92 -1.89 5.24
C GLN A 174 -0.65 -0.49 5.77
N MET A 175 0.53 -0.25 6.33
CA MET A 175 0.81 1.04 6.99
C MET A 175 1.11 2.19 6.00
N ILE A 176 1.35 1.84 4.73
CA ILE A 176 1.75 2.79 3.72
C ILE A 176 0.74 2.79 2.58
N SER A 177 0.66 1.69 1.82
CA SER A 177 -0.28 1.65 0.69
C SER A 177 -1.75 1.75 1.10
N GLU A 178 -2.18 0.97 2.08
CA GLU A 178 -3.59 0.97 2.46
C GLU A 178 -3.95 2.24 3.23
N ALA A 179 -3.00 2.79 3.99
CA ALA A 179 -3.23 4.06 4.67
C ALA A 179 -3.35 5.22 3.64
N ALA A 180 -2.55 5.17 2.58
CA ALA A 180 -2.70 6.14 1.48
C ALA A 180 -4.04 5.98 0.77
N ARG A 181 -4.49 4.75 0.58
CA ARG A 181 -5.76 4.48 -0.10
C ARG A 181 -6.98 4.85 0.72
N PHE A 182 -6.90 4.75 2.04
CA PHE A 182 -8.06 4.90 2.90
C PHE A 182 -7.75 5.80 4.09
N GLN A 183 -8.48 6.91 4.18
CA GLN A 183 -8.44 7.79 5.35
C GLN A 183 -8.80 6.98 6.58
N TYR A 184 -9.73 6.05 6.43
CA TYR A 184 -10.14 5.16 7.50
C TYR A 184 -8.98 4.35 8.10
N ILE A 185 -8.16 3.78 7.23
CA ILE A 185 -7.02 2.96 7.67
C ILE A 185 -5.90 3.83 8.20
N GLU A 186 -5.73 5.01 7.61
CA GLU A 186 -4.79 5.97 8.14
C GLU A 186 -5.15 6.29 9.60
N GLY A 187 -6.44 6.47 9.88
CA GLY A 187 -6.91 6.75 11.22
C GLY A 187 -6.64 5.61 12.21
N GLU A 188 -6.86 4.38 11.75
CA GLU A 188 -6.50 3.18 12.52
C GLU A 188 -5.03 3.19 12.92
N MET A 189 -4.15 3.61 11.99
CA MET A 189 -2.72 3.66 12.27
C MET A 189 -2.37 4.82 13.17
N ARG A 190 -3.04 5.95 12.92
CA ARG A 190 -2.80 7.15 13.69
C ARG A 190 -3.08 6.92 15.19
N THR A 191 -4.19 6.25 15.49
CA THR A 191 -4.57 5.88 16.83
C THR A 191 -3.55 4.95 17.53
N ARG A 192 -3.03 3.97 16.77
CA ARG A 192 -1.94 3.11 17.26
C ARG A 192 -0.72 3.92 17.65
N ILE A 193 -0.32 4.85 16.80
CA ILE A 193 0.85 5.68 17.06
C ILE A 193 0.56 6.60 18.26
N ARG A 194 -0.63 7.17 18.30
CA ARG A 194 -1.04 8.09 19.37
C ARG A 194 -0.91 7.46 20.76
N TYR A 195 -1.37 6.24 20.95
CA TYR A 195 -1.29 5.56 22.25
C TYR A 195 -0.13 4.57 22.40
N ASN A 196 0.86 4.65 21.49
CA ASN A 196 2.01 3.74 21.49
C ASN A 196 1.61 2.27 21.55
N ARG A 197 0.71 1.88 20.66
CA ARG A 197 0.18 0.54 20.63
C ARG A 197 0.67 -0.19 19.40
N ARG A 198 0.61 -1.50 19.51
CA ARG A 198 0.77 -2.37 18.38
C ARG A 198 -0.34 -3.37 18.53
N SER A 199 -1.11 -3.57 17.47
CA SER A 199 -2.20 -4.52 17.50
C SER A 199 -2.62 -4.84 16.09
N ALA A 200 -3.19 -6.01 15.93
CA ALA A 200 -3.58 -6.49 14.64
C ALA A 200 -4.79 -5.71 14.17
N PRO A 201 -5.04 -5.68 12.85
CA PRO A 201 -6.18 -4.98 12.30
C PRO A 201 -7.48 -5.70 12.56
N ASP A 202 -8.50 -4.96 13.00
CA ASP A 202 -9.86 -5.48 13.13
C ASP A 202 -10.49 -5.78 11.74
N PRO A 203 -11.65 -6.47 11.72
CA PRO A 203 -12.25 -6.87 10.44
C PRO A 203 -12.66 -5.72 9.50
N SER A 204 -12.91 -4.54 10.06
CA SER A 204 -13.25 -3.37 9.25
C SER A 204 -12.09 -3.01 8.32
N VAL A 205 -10.88 -3.02 8.87
CA VAL A 205 -9.67 -2.71 8.09
C VAL A 205 -9.45 -3.80 7.03
N ILE A 206 -9.58 -5.07 7.45
CA ILE A 206 -9.30 -6.19 6.56
C ILE A 206 -10.26 -6.24 5.38
N THR A 207 -11.56 -6.06 5.62
CA THR A 207 -12.51 -6.10 4.51
C THR A 207 -12.44 -4.83 3.64
N LEU A 208 -12.12 -3.66 4.21
CA LEU A 208 -11.81 -2.50 3.34
C LEU A 208 -10.70 -2.81 2.34
N GLU A 209 -9.58 -3.34 2.86
CA GLU A 209 -8.42 -3.71 2.02
C GLU A 209 -8.83 -4.72 0.95
N ASN A 210 -9.60 -5.73 1.35
CA ASN A 210 -10.13 -6.74 0.40
C ASN A 210 -11.07 -6.16 -0.65
N SER A 211 -11.79 -5.10 -0.27
CA SER A 211 -12.79 -4.51 -1.11
C SER A 211 -12.34 -3.32 -1.95
N TRP A 212 -11.08 -2.94 -1.89
CA TRP A 212 -10.65 -1.70 -2.54
C TRP A 212 -10.92 -1.68 -4.06
N GLY A 213 -10.60 -2.77 -4.74
CA GLY A 213 -10.85 -2.91 -6.17
C GLY A 213 -12.32 -2.83 -6.49
N ARG A 214 -13.14 -3.56 -5.75
CA ARG A 214 -14.58 -3.58 -5.98
C ARG A 214 -15.27 -2.25 -5.66
N LEU A 215 -14.84 -1.59 -4.57
CA LEU A 215 -15.31 -0.24 -4.27
C LEU A 215 -14.97 0.73 -5.40
N SER A 216 -13.73 0.70 -5.89
CA SER A 216 -13.32 1.55 -7.01
C SER A 216 -14.20 1.35 -8.25
N THR A 217 -14.60 0.10 -8.49
CA THR A 217 -15.50 -0.24 -9.60
C THR A 217 -16.90 0.29 -9.36
N ALA A 218 -17.46 0.01 -8.19
CA ALA A 218 -18.82 0.41 -7.88
C ALA A 218 -18.99 1.93 -7.88
N ILE A 219 -17.94 2.65 -7.49
CA ILE A 219 -17.96 4.10 -7.44
C ILE A 219 -17.89 4.68 -8.84
N GLN A 220 -16.92 4.23 -9.63
CA GLN A 220 -16.75 4.76 -10.97
C GLN A 220 -17.83 4.29 -11.97
N GLU A 221 -18.56 3.22 -11.64
CA GLU A 221 -19.65 2.76 -12.49
C GLU A 221 -21.00 3.32 -12.05
N SER A 222 -21.03 4.14 -11.00
CA SER A 222 -22.28 4.54 -10.37
C SER A 222 -23.04 5.53 -11.27
N ASN A 223 -24.34 5.60 -11.04
CA ASN A 223 -25.24 6.48 -11.78
C ASN A 223 -25.83 7.49 -10.80
N GLN A 224 -25.50 8.76 -10.97
CA GLN A 224 -25.88 9.83 -10.04
C GLN A 224 -25.40 9.55 -8.62
N GLY A 225 -24.22 8.91 -8.51
CA GLY A 225 -23.67 8.50 -7.23
C GLY A 225 -24.23 7.21 -6.65
N ALA A 226 -25.24 6.62 -7.30
CA ALA A 226 -25.87 5.40 -6.78
C ALA A 226 -25.23 4.15 -7.39
N PHE A 227 -24.91 3.19 -6.53
CA PHE A 227 -24.24 1.96 -6.96
C PHE A 227 -25.22 1.11 -7.75
N ALA A 228 -24.73 0.46 -8.80
CA ALA A 228 -25.52 -0.56 -9.52
C ALA A 228 -25.99 -1.66 -8.57
N SER A 229 -25.13 -2.08 -7.65
CA SER A 229 -25.55 -2.98 -6.56
C SER A 229 -24.68 -2.78 -5.32
N PRO A 230 -25.21 -3.11 -4.14
CA PRO A 230 -24.47 -2.82 -2.92
C PRO A 230 -23.14 -3.55 -2.76
N ILE A 231 -22.28 -2.98 -1.93
CA ILE A 231 -21.05 -3.62 -1.50
C ILE A 231 -21.11 -3.77 0.00
N GLN A 232 -20.87 -4.99 0.45
CA GLN A 232 -20.89 -5.31 1.86
C GLN A 232 -19.52 -5.05 2.50
N LEU A 233 -19.53 -4.38 3.66
CA LEU A 233 -18.34 -4.12 4.47
C LEU A 233 -18.60 -4.60 5.88
N GLN A 234 -17.58 -4.50 6.74
CA GLN A 234 -17.69 -4.88 8.14
C GLN A 234 -17.35 -3.72 9.07
N ARG A 235 -18.03 -3.69 10.20
CA ARG A 235 -17.69 -2.80 11.30
C ARG A 235 -16.54 -3.43 12.06
N ARG A 236 -16.05 -2.70 13.05
CA ARG A 236 -14.89 -3.14 13.81
C ARG A 236 -15.15 -4.40 14.62
N ASN A 237 -16.41 -4.61 15.02
CA ASN A 237 -16.79 -5.80 15.78
C ASN A 237 -17.14 -7.00 14.88
N GLY A 238 -16.99 -6.87 13.57
CA GLY A 238 -17.26 -7.95 12.63
C GLY A 238 -18.64 -7.89 11.96
N SER A 239 -19.56 -7.11 12.51
CA SER A 239 -20.92 -7.04 11.97
C SER A 239 -20.91 -6.43 10.57
N LYS A 240 -21.79 -6.95 9.72
CA LYS A 240 -21.82 -6.57 8.31
C LYS A 240 -22.82 -5.44 8.04
N PHE A 241 -22.56 -4.68 6.98
CA PHE A 241 -23.47 -3.65 6.48
C PHE A 241 -23.19 -3.41 5.02
N SER A 242 -24.12 -2.75 4.35
CA SER A 242 -24.00 -2.48 2.92
C SER A 242 -23.89 -0.99 2.61
N VAL A 243 -23.16 -0.70 1.54
CA VAL A 243 -22.98 0.64 1.04
C VAL A 243 -23.61 0.69 -0.35
N TYR A 244 -24.43 1.71 -0.60
CA TYR A 244 -25.20 1.86 -1.86
C TYR A 244 -24.87 3.09 -2.67
N ASP A 245 -24.09 4.02 -2.11
CA ASP A 245 -23.77 5.25 -2.81
C ASP A 245 -22.34 5.72 -2.61
N VAL A 246 -21.88 6.63 -3.48
CA VAL A 246 -20.50 7.08 -3.37
C VAL A 246 -20.25 8.10 -2.24
N SER A 247 -21.21 8.97 -1.97
CA SER A 247 -20.99 10.11 -1.06
C SER A 247 -20.58 9.64 0.34
N ILE A 248 -21.20 8.59 0.84
CA ILE A 248 -20.92 8.09 2.18
C ILE A 248 -19.47 7.57 2.38
N LEU A 249 -18.78 7.32 1.26
CA LEU A 249 -17.40 6.85 1.27
C LEU A 249 -16.37 7.93 1.02
N ILE A 250 -16.79 9.15 0.72
CA ILE A 250 -15.83 10.23 0.51
C ILE A 250 -14.88 10.40 1.71
N PRO A 251 -15.39 10.27 2.96
CA PRO A 251 -14.46 10.34 4.10
C PRO A 251 -13.59 9.09 4.34
N ILE A 252 -13.86 7.99 3.64
CA ILE A 252 -13.32 6.67 3.94
C ILE A 252 -12.22 6.22 2.96
N ILE A 253 -12.50 6.42 1.67
CA ILE A 253 -11.57 6.03 0.61
C ILE A 253 -10.98 7.30 -0.02
N ALA A 254 -9.66 7.37 -0.05
CA ALA A 254 -8.91 8.54 -0.52
C ALA A 254 -8.46 8.46 -1.98
N LEU A 255 -8.39 7.24 -2.53
CA LEU A 255 -7.79 6.98 -3.85
C LEU A 255 -8.42 5.75 -4.44
N MET A 256 -8.52 5.71 -5.77
CA MET A 256 -9.12 4.56 -6.46
C MET A 256 -8.32 4.18 -7.67
N VAL A 257 -8.20 2.88 -7.91
CA VAL A 257 -7.67 2.38 -9.19
C VAL A 257 -8.64 2.78 -10.30
N TYR A 258 -8.07 3.22 -11.42
CA TYR A 258 -8.83 3.56 -12.61
C TYR A 258 -9.75 2.41 -13.03
N ARG A 259 -11.01 2.76 -13.25
CA ARG A 259 -12.04 1.83 -13.69
C ARG A 259 -12.86 2.57 -14.74
N CYS A 260 -13.40 1.79 -15.67
CA CYS A 260 -13.84 2.32 -16.94
C CYS A 260 -15.13 3.19 -16.97
N ALA A 261 -16.21 2.77 -16.31
CA ALA A 261 -17.56 3.44 -16.34
C ALA A 261 -18.48 2.90 -17.45
N PRO A 262 -19.82 2.91 -17.23
CA PRO A 262 -20.71 2.11 -18.08
C PRO A 262 -21.18 2.85 -19.36
N PRO A 263 -21.84 2.12 -20.30
CA PRO A 263 -22.52 2.76 -21.44
C PRO A 263 -23.71 3.65 -21.03
C1 EDO B . -5.61 15.79 9.41
O1 EDO B . -5.62 14.59 8.61
C2 EDO B . -6.97 15.96 10.05
O2 EDO B . -7.18 14.91 10.99
C1 EDO C . 7.26 -19.98 10.66
O1 EDO C . 7.18 -19.53 9.34
C2 EDO C . 6.74 -21.38 10.70
O2 EDO C . 5.36 -21.43 11.01
C1 EDO D . 17.66 1.88 -0.10
O1 EDO D . 17.14 2.60 1.02
C2 EDO D . 19.05 1.33 0.20
O2 EDO D . 19.06 0.22 1.13
C1 EDO E . -11.10 4.87 11.91
O1 EDO E . -10.04 5.83 12.08
C2 EDO E . -11.27 3.91 13.10
O2 EDO E . -10.01 3.47 13.63
C1 EDO F . -19.48 7.76 6.95
O1 EDO F . -18.86 8.60 5.97
C2 EDO F . -18.92 6.35 6.82
O2 EDO F . -19.58 5.52 7.78
C1 EDO G . 7.93 -8.11 11.35
O1 EDO G . 7.30 -9.35 11.60
C2 EDO G . 9.43 -8.31 11.34
O2 EDO G . 9.84 -8.93 12.56
C1 EDO H . -11.72 16.23 -5.29
O1 EDO H . -10.88 17.17 -5.96
C2 EDO H . -11.11 14.83 -5.22
O2 EDO H . -11.33 14.06 -6.42
C1 EDO I . -13.02 15.15 2.65
O1 EDO I . -11.96 16.03 3.10
C2 EDO I . -12.45 13.76 2.38
O2 EDO I . -11.51 13.42 3.39
C1 EDO J . 12.74 -20.00 6.10
O1 EDO J . 13.93 -19.94 6.87
C2 EDO J . 13.03 -20.01 4.61
O2 EDO J . 13.84 -18.96 4.26
C1 EDO K . -21.68 2.20 8.50
O1 EDO K . -21.60 3.56 8.88
C2 EDO K . -22.47 1.40 9.52
O2 EDO K . -23.77 2.00 9.69
C1 EDO L . 16.53 5.65 -3.38
O1 EDO L . 16.29 5.76 -1.97
C2 EDO L . 16.82 4.19 -3.73
O2 EDO L . 16.99 4.04 -5.15
C1 EDO M . 13.46 -7.17 -12.26
O1 EDO M . 13.49 -6.27 -13.37
C2 EDO M . 14.14 -8.48 -12.63
O2 EDO M . 15.47 -8.20 -13.09
C1 EDO N . -10.83 -6.63 -9.03
O1 EDO N . -11.90 -5.77 -8.63
C2 EDO N . -10.38 -7.50 -7.85
O2 EDO N . -10.39 -6.73 -6.64
C1 EDO O . -2.94 -23.45 2.04
O1 EDO O . -2.78 -23.44 0.61
C2 EDO O . -3.24 -22.03 2.40
O2 EDO O . -4.01 -21.96 3.58
C1 EDO P . 15.39 -14.01 -4.13
O1 EDO P . 15.32 -14.48 -2.78
C2 EDO P . 14.36 -14.73 -5.00
O2 EDO P . 15.05 -15.67 -5.80
C10 JMG Q . -17.52 2.66 7.95
C13 JMG Q . -15.68 0.78 7.09
O01 JMG Q . -18.64 1.12 15.00
C02 JMG Q . -17.88 0.68 14.09
O03 JMG Q . -17.04 -0.20 14.31
C04 JMG Q . -18.02 1.22 12.72
C05 JMG Q . -18.94 2.10 12.16
C06 JMG Q . -18.71 2.35 10.80
C07 JMG Q . -17.58 1.70 10.27
S08 JMG Q . -16.86 0.74 11.51
C09 JMG Q . -17.04 1.70 8.86
C11 JMG Q . -17.06 2.70 6.63
C12 JMG Q . -16.14 1.75 6.20
C14 JMG Q . -16.13 0.74 8.41
S DMS R . -3.61 -22.50 -2.25
O DMS R . -3.25 -22.83 -0.84
C1 DMS R . -5.28 -22.20 -2.37
C2 DMS R . -3.08 -20.94 -2.67
#